data_2RKE
#
_entry.id   2RKE
#
_cell.length_a   45.180
_cell.length_b   119.031
_cell.length_c   60.885
_cell.angle_alpha   90.00
_cell.angle_beta   108.84
_cell.angle_gamma   90.00
#
_symmetry.space_group_name_H-M   'P 1 21 1'
#
loop_
_entity.id
_entity.type
_entity.pdbx_description
1 polymer 'Phosphoenolpyruvate carboxykinase, cytosolic [GTP]'
2 non-polymer 'MANGANESE (II) ION'
3 non-polymer 'SODIUM ION'
4 non-polymer 'SULFATE ION'
5 non-polymer 'sulfoacetic acid'
6 water water
#
_entity_poly.entity_id   1
_entity_poly.type   'polypeptide(L)'
_entity_poly.pdbx_seq_one_letter_code
;GSMPPQLHNGLDFSAKVIQGSLDSLPQEVRKFVEGNAQLCQPEYIHICDGSEEEYGRLLAHMQEEGVIRKLKKYDNCWLA
LTDPRDVARIESKTVIITQEQRDTVPIPKSGQSQLGRWMSEEDFEKAFNARFPGCMKGRTMYVIPFSMGPLGSPLAKIGI
ELTDSPYVVASMRIMTRMGTSVLEALGDGEFIKCLHSVGCPLPLKKPLVNNWACNPELTLIAHLPDRREIISFGSGYGGN
SLLGKKCFALRIASRLAKEEGWLAEHMLILGITNPEGKKKYLAAAFPSACGKTNLAMMNPTLPGWKVECVGDDIAWMKFD
AQGNLRAINPENGFFGVAPGTSVKTNPNAIKTIQKNTIFTNVAETSDGGVYWEGIDEPLAPGVTITSWKNKEWRPQDEEP
CAHPNSRFCTPASQCPIIDPAWESPEGVPIEGIIFGGRRPAGVPLVYEALSWQHGVFVGAAMRSEATAAAEHKGKVIMHD
PFAMRPFFGYNFGKYLAHWLSMAHRPAAKLPKIFHVNWFRKDKNGKFLWPGFGENSRVLEWMFGRIEGEDSAKLTPIGYV
PKEDALNLKGLGDVNVEELFGISKEFWEKEVEEIDKYLEDQVNADLPYEIERELRALKQRISQM
;
_entity_poly.pdbx_strand_id   A
#
loop_
_chem_comp.id
_chem_comp.type
_chem_comp.name
_chem_comp.formula
MN non-polymer 'MANGANESE (II) ION' 'Mn 2'
NA non-polymer 'SODIUM ION' 'Na 1'
SAT non-polymer 'sulfoacetic acid' 'C2 H4 O5 S'
SO4 non-polymer 'SULFATE ION' 'O4 S -2'
#
# COMPACT_ATOMS: atom_id res chain seq x y z
N GLN A 6 23.39 -11.19 35.59
CA GLN A 6 23.63 -12.66 35.44
C GLN A 6 24.33 -13.31 36.63
N LEU A 7 23.73 -14.39 37.13
CA LEU A 7 24.46 -15.32 38.00
C LEU A 7 24.82 -16.60 37.22
N HIS A 8 24.47 -16.61 35.93
CA HIS A 8 24.92 -17.62 34.98
C HIS A 8 25.35 -16.95 33.67
N ASN A 9 24.96 -17.49 32.52
CA ASN A 9 25.41 -16.95 31.23
C ASN A 9 24.46 -17.12 30.03
N GLY A 10 23.16 -17.02 30.29
CA GLY A 10 22.14 -17.21 29.24
C GLY A 10 21.38 -15.97 28.79
N LEU A 11 21.60 -14.84 29.46
CA LEU A 11 20.86 -13.60 29.18
C LEU A 11 21.61 -12.62 28.27
N ASP A 12 22.93 -12.65 28.34
CA ASP A 12 23.80 -11.79 27.54
C ASP A 12 24.12 -12.48 26.22
N PHE A 13 23.57 -11.95 25.13
CA PHE A 13 23.72 -12.53 23.80
C PHE A 13 24.87 -11.94 23.00
N SER A 14 25.76 -11.22 23.68
CA SER A 14 26.93 -10.60 23.04
C SER A 14 27.76 -11.56 22.20
N ALA A 15 28.04 -12.74 22.75
CA ALA A 15 28.88 -13.73 22.08
C ALA A 15 28.32 -14.23 20.74
N LYS A 16 27.02 -14.00 20.52
CA LYS A 16 26.38 -14.43 19.28
C LYS A 16 26.22 -13.34 18.20
N VAL A 17 26.71 -12.14 18.49
CA VAL A 17 26.61 -11.04 17.54
C VAL A 17 27.67 -11.15 16.44
N ILE A 18 27.20 -11.35 15.21
CA ILE A 18 28.09 -11.54 14.05
C ILE A 18 28.35 -10.26 13.22
N GLN A 19 27.56 -9.22 13.46
CA GLN A 19 27.80 -7.89 12.89
C GLN A 19 27.24 -6.85 13.84
N GLY A 20 28.05 -5.83 14.11
CA GLY A 20 27.68 -4.78 15.04
C GLY A 20 28.02 -5.15 16.46
N SER A 21 27.43 -4.43 17.41
CA SER A 21 27.67 -4.59 18.83
C SER A 21 26.40 -4.28 19.62
N LEU A 22 26.03 -5.17 20.54
CA LEU A 22 24.93 -4.89 21.47
C LEU A 22 25.23 -3.66 22.31
N ASP A 23 26.50 -3.51 22.71
CA ASP A 23 26.96 -2.38 23.53
C ASP A 23 26.81 -1.01 22.87
N SER A 24 26.88 -0.96 21.53
CA SER A 24 26.81 0.32 20.81
C SER A 24 25.37 0.78 20.54
N LEU A 25 24.42 -0.15 20.62
CA LEU A 25 23.00 0.15 20.45
C LEU A 25 22.47 1.02 21.58
N PRO A 26 21.44 1.85 21.29
CA PRO A 26 20.73 2.56 22.35
C PRO A 26 20.10 1.55 23.31
N GLN A 27 19.91 1.98 24.55
CA GLN A 27 19.47 1.10 25.64
C GLN A 27 18.21 0.29 25.30
N GLU A 28 17.16 0.98 24.83
CA GLU A 28 15.87 0.34 24.53
C GLU A 28 15.92 -0.58 23.29
N VAL A 29 16.82 -0.28 22.36
CA VAL A 29 17.03 -1.15 21.20
C VAL A 29 17.69 -2.46 21.64
N ARG A 30 18.69 -2.35 22.52
CA ARG A 30 19.34 -3.52 23.09
C ARG A 30 18.35 -4.44 23.81
N LYS A 31 17.49 -3.87 24.63
CA LYS A 31 16.52 -4.64 25.40
C LYS A 31 15.52 -5.36 24.47
N PHE A 32 15.13 -4.70 23.39
CA PHE A 32 14.25 -5.27 22.38
C PHE A 32 14.93 -6.44 21.68
N VAL A 33 16.16 -6.22 21.23
CA VAL A 33 16.93 -7.29 20.55
C VAL A 33 17.18 -8.48 21.48
N GLU A 34 17.74 -8.19 22.65
CA GLU A 34 18.17 -9.25 23.57
C GLU A 34 17.01 -10.03 24.17
N GLY A 35 15.95 -9.32 24.56
CA GLY A 35 14.73 -9.97 25.06
C GLY A 35 14.13 -10.93 24.06
N ASN A 36 14.08 -10.52 22.80
CA ASN A 36 13.59 -11.40 21.74
C ASN A 36 14.57 -12.49 21.31
N ALA A 37 15.87 -12.23 21.44
CA ALA A 37 16.87 -13.30 21.24
C ALA A 37 16.69 -14.39 22.31
N GLN A 38 16.52 -13.96 23.56
CA GLN A 38 16.24 -14.87 24.67
C GLN A 38 15.03 -15.75 24.36
N LEU A 39 13.98 -15.14 23.81
CA LEU A 39 12.76 -15.86 23.45
C LEU A 39 12.86 -16.77 22.22
N CYS A 40 13.37 -16.24 21.11
CA CYS A 40 13.38 -16.92 19.81
C CYS A 40 14.56 -17.87 19.63
N GLN A 41 15.60 -17.66 20.45
CA GLN A 41 16.79 -18.50 20.48
CA GLN A 41 16.81 -18.48 20.48
C GLN A 41 17.56 -18.55 19.12
N PRO A 42 17.81 -17.37 18.50
CA PRO A 42 18.54 -17.46 17.23
C PRO A 42 19.96 -17.98 17.48
N GLU A 43 20.57 -18.56 16.45
CA GLU A 43 21.97 -18.99 16.55
C GLU A 43 22.92 -17.79 16.55
N TYR A 44 22.55 -16.78 15.77
CA TYR A 44 23.36 -15.60 15.51
C TYR A 44 22.52 -14.33 15.50
N ILE A 45 23.15 -13.21 15.85
CA ILE A 45 22.49 -11.91 15.71
C ILE A 45 23.32 -11.03 14.76
N HIS A 46 22.68 -10.57 13.71
CA HIS A 46 23.32 -9.71 12.71
C HIS A 46 22.69 -8.32 12.75
N ILE A 47 23.41 -7.32 13.24
CA ILE A 47 22.87 -5.95 13.26
C ILE A 47 23.16 -5.32 11.89
N CYS A 48 22.12 -5.15 11.08
CA CYS A 48 22.29 -4.64 9.71
C CYS A 48 22.88 -3.22 9.68
N ASP A 49 23.83 -2.99 8.77
CA ASP A 49 24.40 -1.66 8.54
C ASP A 49 23.84 -0.94 7.32
N GLY A 50 23.06 -1.65 6.50
CA GLY A 50 22.47 -1.07 5.29
C GLY A 50 23.43 -0.91 4.13
N SER A 51 24.67 -1.38 4.30
CA SER A 51 25.73 -1.18 3.30
C SER A 51 25.51 -1.99 2.03
N GLU A 52 26.06 -1.51 0.92
CA GLU A 52 26.04 -2.21 -0.34
C GLU A 52 26.71 -3.59 -0.22
N GLU A 53 27.82 -3.64 0.51
CA GLU A 53 28.53 -4.90 0.73
C GLU A 53 27.67 -5.92 1.49
N GLU A 54 27.07 -5.49 2.61
CA GLU A 54 26.11 -6.33 3.32
C GLU A 54 25.06 -6.94 2.39
N TYR A 55 24.50 -6.09 1.51
CA TYR A 55 23.39 -6.43 0.62
C TYR A 55 23.76 -7.47 -0.45
N GLY A 56 24.81 -7.20 -1.21
CA GLY A 56 25.30 -8.09 -2.26
C GLY A 56 25.74 -9.44 -1.72
N ARG A 57 26.39 -9.43 -0.56
CA ARG A 57 26.82 -10.68 0.07
C ARG A 57 25.64 -11.54 0.54
N LEU A 58 24.63 -10.88 1.11
CA LEU A 58 23.39 -11.54 1.51
C LEU A 58 22.65 -12.18 0.32
N LEU A 59 22.58 -11.45 -0.79
CA LEU A 59 21.96 -11.94 -2.02
C LEU A 59 22.66 -13.18 -2.59
N ALA A 60 23.98 -13.14 -2.61
CA ALA A 60 24.81 -14.24 -3.11
C ALA A 60 24.65 -15.47 -2.21
N HIS A 61 24.59 -15.25 -0.91
CA HIS A 61 24.26 -16.32 0.05
C HIS A 61 22.88 -16.95 -0.19
N MET A 62 21.88 -16.10 -0.43
CA MET A 62 20.56 -16.60 -0.78
C MET A 62 20.59 -17.37 -2.10
N GLN A 63 21.39 -16.88 -3.04
CA GLN A 63 21.63 -17.57 -4.32
C GLN A 63 22.29 -18.94 -4.09
N GLU A 64 23.25 -18.98 -3.16
CA GLU A 64 23.93 -20.22 -2.74
C GLU A 64 22.94 -21.29 -2.27
N GLU A 65 21.99 -20.89 -1.41
CA GLU A 65 21.07 -21.85 -0.78
C GLU A 65 19.82 -22.16 -1.63
N GLY A 66 19.79 -21.63 -2.85
CA GLY A 66 18.67 -21.82 -3.75
C GLY A 66 17.42 -21.02 -3.41
N VAL A 67 17.54 -20.04 -2.50
CA VAL A 67 16.41 -19.23 -2.06
C VAL A 67 16.01 -18.17 -3.10
N ILE A 68 17.01 -17.62 -3.78
CA ILE A 68 16.75 -16.77 -4.93
C ILE A 68 17.66 -17.18 -6.07
N ARG A 69 17.31 -16.76 -7.29
CA ARG A 69 18.21 -16.92 -8.42
CA ARG A 69 18.23 -16.90 -8.40
C ARG A 69 18.40 -15.60 -9.16
N LYS A 70 19.59 -15.42 -9.73
CA LYS A 70 19.93 -14.21 -10.44
C LYS A 70 19.34 -14.22 -11.83
N LEU A 71 18.78 -13.08 -12.22
CA LEU A 71 18.29 -12.86 -13.56
C LEU A 71 19.42 -12.24 -14.41
N LYS A 72 20.07 -13.08 -15.21
CA LYS A 72 21.26 -12.71 -15.99
CA LYS A 72 21.26 -12.70 -15.98
C LYS A 72 21.03 -11.62 -17.05
N LYS A 73 19.78 -11.45 -17.49
CA LYS A 73 19.47 -10.48 -18.54
C LYS A 73 19.62 -9.04 -18.06
N TYR A 74 19.49 -8.84 -16.75
CA TYR A 74 19.40 -7.49 -16.19
C TYR A 74 20.56 -7.17 -15.24
N ASP A 75 20.64 -5.91 -14.82
CA ASP A 75 21.70 -5.43 -13.94
C ASP A 75 21.31 -5.64 -12.47
N ASN A 76 21.93 -6.62 -11.82
CA ASN A 76 21.70 -6.90 -10.39
C ASN A 76 20.21 -7.15 -10.02
N CYS A 77 19.56 -8.03 -10.78
CA CYS A 77 18.17 -8.38 -10.53
C CYS A 77 18.02 -9.84 -10.10
N TRP A 78 16.97 -10.11 -9.32
CA TRP A 78 16.81 -11.39 -8.65
C TRP A 78 15.36 -11.90 -8.66
N LEU A 79 15.20 -13.23 -8.63
CA LEU A 79 13.88 -13.85 -8.64
C LEU A 79 13.72 -14.81 -7.47
N ALA A 80 12.65 -14.61 -6.70
CA ALA A 80 12.25 -15.55 -5.65
C ALA A 80 10.92 -16.19 -6.03
N LEU A 81 10.85 -17.52 -5.93
CA LEU A 81 9.61 -18.26 -6.11
C LEU A 81 9.20 -18.92 -4.79
N THR A 82 8.00 -18.57 -4.31
CA THR A 82 7.58 -18.94 -2.97
C THR A 82 6.87 -20.29 -2.93
N ASP A 83 6.68 -20.80 -1.71
CA ASP A 83 5.75 -21.87 -1.42
C ASP A 83 4.34 -21.39 -1.82
N PRO A 84 3.63 -22.16 -2.67
CA PRO A 84 2.30 -21.74 -3.16
C PRO A 84 1.29 -21.34 -2.06
N ARG A 85 1.56 -21.78 -0.83
CA ARG A 85 0.70 -21.47 0.33
C ARG A 85 0.97 -20.07 0.88
N ASP A 86 2.09 -19.49 0.47
CA ASP A 86 2.52 -18.21 0.98
C ASP A 86 2.77 -17.21 -0.15
N VAL A 87 1.69 -16.58 -0.64
CA VAL A 87 1.70 -15.79 -1.86
C VAL A 87 1.05 -14.40 -1.77
N ALA A 88 0.59 -14.01 -0.57
CA ALA A 88 -0.15 -12.76 -0.36
C ALA A 88 -0.35 -12.45 1.12
N ARG A 89 -0.61 -11.16 1.44
CA ARG A 89 -1.22 -10.78 2.71
C ARG A 89 -2.46 -11.65 2.97
N ILE A 90 -2.57 -12.24 4.17
CA ILE A 90 -3.79 -12.98 4.53
C ILE A 90 -4.58 -12.19 5.55
N GLU A 91 -5.66 -11.58 5.09
CA GLU A 91 -6.50 -10.75 5.94
C GLU A 91 -7.08 -11.56 7.11
N SER A 92 -7.45 -12.82 6.84
CA SER A 92 -8.10 -13.67 7.85
C SER A 92 -7.20 -14.06 9.04
N LYS A 93 -5.93 -13.68 8.97
CA LYS A 93 -4.94 -13.99 10.01
C LYS A 93 -4.26 -12.73 10.48
N THR A 94 -4.88 -11.61 10.15
CA THR A 94 -4.39 -10.29 10.46
C THR A 94 -5.27 -9.65 11.54
N VAL A 95 -4.64 -9.24 12.65
CA VAL A 95 -5.41 -8.80 13.83
C VAL A 95 -4.87 -7.56 14.48
N ILE A 96 -5.74 -6.86 15.19
CA ILE A 96 -5.32 -5.76 16.04
C ILE A 96 -5.84 -6.03 17.45
N ILE A 97 -4.94 -5.89 18.40
CA ILE A 97 -5.21 -6.13 19.81
C ILE A 97 -5.36 -4.77 20.51
N THR A 98 -6.50 -4.58 21.18
CA THR A 98 -6.72 -3.45 22.07
C THR A 98 -7.58 -3.97 23.22
N GLN A 99 -7.64 -3.20 24.31
CA GLN A 99 -8.43 -3.59 25.49
C GLN A 99 -9.91 -3.75 25.14
N GLU A 100 -10.45 -2.81 24.35
CA GLU A 100 -11.85 -2.82 23.94
C GLU A 100 -12.01 -3.06 22.43
N GLN A 101 -12.85 -4.01 22.04
CA GLN A 101 -13.04 -4.32 20.61
C GLN A 101 -13.47 -3.10 19.81
N ARG A 102 -14.38 -2.30 20.38
CA ARG A 102 -14.96 -1.14 19.72
C ARG A 102 -13.94 -0.09 19.32
N ASP A 103 -12.80 -0.04 20.04
CA ASP A 103 -11.73 0.86 19.66
C ASP A 103 -11.03 0.44 18.36
N THR A 104 -11.15 -0.84 18.03
CA THR A 104 -10.52 -1.38 16.82
C THR A 104 -11.44 -1.45 15.60
N VAL A 105 -12.67 -1.89 15.83
CA VAL A 105 -13.68 -2.04 14.80
C VAL A 105 -15.02 -1.54 15.35
N PRO A 106 -15.88 -0.98 14.49
CA PRO A 106 -17.23 -0.72 14.96
C PRO A 106 -17.98 -2.04 15.19
N ILE A 107 -18.92 -2.03 16.14
CA ILE A 107 -19.74 -3.22 16.37
C ILE A 107 -20.95 -3.26 15.40
N PRO A 108 -20.95 -4.21 14.44
CA PRO A 108 -21.96 -4.20 13.38
C PRO A 108 -23.37 -4.45 13.90
N LYS A 109 -24.38 -4.06 13.13
CA LYS A 109 -25.77 -4.19 13.56
CA LYS A 109 -25.79 -4.18 13.52
C LYS A 109 -26.35 -5.59 13.33
N SER A 110 -26.05 -6.20 12.19
CA SER A 110 -26.58 -7.53 11.87
C SER A 110 -25.52 -8.61 11.61
N GLY A 111 -24.49 -8.26 10.84
CA GLY A 111 -23.52 -9.25 10.42
C GLY A 111 -22.17 -9.17 11.09
N GLN A 112 -21.21 -9.81 10.46
CA GLN A 112 -19.85 -9.81 10.92
CA GLN A 112 -19.83 -9.86 10.87
C GLN A 112 -19.11 -8.63 10.30
N SER A 113 -18.13 -8.10 11.01
CA SER A 113 -17.40 -6.92 10.53
C SER A 113 -16.44 -7.20 9.38
N GLN A 114 -16.38 -6.25 8.44
CA GLN A 114 -15.49 -6.30 7.30
C GLN A 114 -14.42 -5.22 7.41
N LEU A 115 -14.42 -4.49 8.52
CA LEU A 115 -13.60 -3.28 8.66
C LEU A 115 -12.38 -3.49 9.54
N GLY A 116 -12.17 -4.76 9.92
CA GLY A 116 -11.07 -5.16 10.76
C GLY A 116 -11.29 -6.44 11.51
N ARG A 117 -10.27 -6.84 12.26
CA ARG A 117 -10.33 -8.08 13.02
C ARG A 117 -9.66 -7.81 14.35
N TRP A 118 -10.44 -7.94 15.42
CA TRP A 118 -9.95 -7.68 16.76
C TRP A 118 -9.58 -8.99 17.45
N MET A 119 -8.49 -8.94 18.21
CA MET A 119 -8.12 -10.03 19.09
C MET A 119 -7.87 -9.47 20.48
N SER A 120 -8.42 -10.12 21.50
CA SER A 120 -8.15 -9.74 22.89
C SER A 120 -6.67 -9.97 23.21
N GLU A 121 -6.15 -9.20 24.16
CA GLU A 121 -4.75 -9.37 24.57
C GLU A 121 -4.47 -10.75 25.16
N GLU A 122 -5.46 -11.35 25.82
CA GLU A 122 -5.26 -12.67 26.39
CA GLU A 122 -5.32 -12.69 26.40
C GLU A 122 -5.28 -13.78 25.32
N ASP A 123 -6.13 -13.62 24.30
CA ASP A 123 -6.07 -14.52 23.17
C ASP A 123 -4.74 -14.38 22.44
N PHE A 124 -4.27 -13.14 22.29
CA PHE A 124 -2.98 -12.96 21.63
C PHE A 124 -1.81 -13.59 22.39
N GLU A 125 -1.74 -13.33 23.70
CA GLU A 125 -0.67 -13.87 24.52
C GLU A 125 -0.61 -15.40 24.37
N LYS A 126 -1.76 -16.06 24.40
CA LYS A 126 -1.80 -17.49 24.13
C LYS A 126 -1.20 -17.81 22.76
N ALA A 127 -1.67 -17.12 21.71
CA ALA A 127 -1.21 -17.34 20.33
C ALA A 127 0.29 -17.21 20.20
N PHE A 128 0.79 -16.14 20.80
CA PHE A 128 2.21 -15.77 20.82
C PHE A 128 3.09 -16.84 21.46
N ASN A 129 2.58 -17.43 22.54
CA ASN A 129 3.29 -18.44 23.32
C ASN A 129 3.37 -19.77 22.58
N ALA A 130 2.37 -20.00 21.74
CA ALA A 130 2.32 -21.20 20.92
C ALA A 130 3.16 -21.09 19.64
N ARG A 131 3.90 -19.99 19.46
CA ARG A 131 4.54 -19.72 18.17
C ARG A 131 5.98 -19.30 18.35
N PHE A 132 6.17 -18.27 19.15
CA PHE A 132 7.48 -17.65 19.20
C PHE A 132 8.66 -18.29 19.98
N PRO A 133 8.37 -18.92 21.14
CA PRO A 133 9.50 -19.54 21.87
C PRO A 133 10.30 -20.54 21.03
N GLY A 134 11.59 -20.27 20.90
CA GLY A 134 12.51 -21.15 20.18
C GLY A 134 12.43 -21.06 18.66
N CYS A 135 11.70 -20.09 18.12
CA CYS A 135 11.37 -20.14 16.69
C CYS A 135 12.48 -19.79 15.72
N MET A 136 13.52 -19.10 16.18
CA MET A 136 14.62 -18.82 15.30
C MET A 136 15.77 -19.82 15.47
N LYS A 137 15.51 -20.98 16.08
CA LYS A 137 16.61 -21.89 16.41
C LYS A 137 17.34 -22.34 15.15
N GLY A 138 18.68 -22.20 15.19
CA GLY A 138 19.55 -22.51 14.06
C GLY A 138 19.59 -21.45 12.96
N ARG A 139 19.01 -20.26 13.23
CA ARG A 139 18.96 -19.15 12.28
C ARG A 139 19.61 -17.89 12.82
N THR A 140 19.93 -16.99 11.88
CA THR A 140 20.38 -15.64 12.21
C THR A 140 19.16 -14.75 12.47
N MET A 141 19.19 -14.04 13.60
CA MET A 141 18.25 -12.95 13.84
C MET A 141 18.83 -11.71 13.24
N TYR A 142 18.22 -11.21 12.17
CA TYR A 142 18.66 -9.94 11.58
C TYR A 142 17.96 -8.76 12.24
N VAL A 143 18.73 -7.72 12.58
CA VAL A 143 18.19 -6.54 13.20
C VAL A 143 18.18 -5.42 12.17
N ILE A 144 16.98 -5.01 11.76
CA ILE A 144 16.83 -3.97 10.73
C ILE A 144 16.46 -2.57 11.30
N PRO A 145 17.43 -1.65 11.44
CA PRO A 145 16.91 -0.35 11.84
C PRO A 145 16.37 0.35 10.59
N PHE A 146 15.17 0.88 10.61
CA PHE A 146 14.67 1.53 9.38
C PHE A 146 13.83 2.77 9.68
N SER A 147 13.96 3.77 8.80
CA SER A 147 13.15 4.98 8.87
C SER A 147 12.06 4.91 7.83
N MET A 148 10.82 5.16 8.26
CA MET A 148 9.75 5.41 7.31
C MET A 148 9.68 6.91 7.07
N GLY A 149 10.06 7.34 5.87
CA GLY A 149 10.15 8.76 5.53
C GLY A 149 11.60 9.18 5.45
N PRO A 150 11.86 10.33 4.82
CA PRO A 150 13.23 10.84 4.74
C PRO A 150 13.83 10.96 6.13
N LEU A 151 15.07 10.48 6.30
CA LEU A 151 15.77 10.66 7.56
C LEU A 151 15.74 12.12 7.97
N GLY A 152 15.25 12.39 9.17
CA GLY A 152 15.27 13.78 9.67
C GLY A 152 14.06 14.63 9.30
N SER A 153 13.17 14.07 8.47
CA SER A 153 11.84 14.63 8.28
C SER A 153 11.08 14.63 9.62
N PRO A 154 10.52 15.78 10.03
CA PRO A 154 9.63 15.82 11.17
C PRO A 154 8.47 14.84 11.10
N LEU A 155 8.13 14.39 9.89
CA LEU A 155 7.02 13.43 9.69
C LEU A 155 7.46 11.96 9.66
N ALA A 156 8.76 11.72 9.64
CA ALA A 156 9.34 10.38 9.61
C ALA A 156 9.23 9.67 10.96
N LYS A 157 9.11 8.34 10.93
CA LYS A 157 9.02 7.50 12.12
C LYS A 157 9.97 6.30 11.95
N ILE A 158 10.78 6.04 12.99
CA ILE A 158 11.76 4.95 12.96
C ILE A 158 11.18 3.66 13.54
N GLY A 159 11.54 2.53 12.94
CA GLY A 159 11.20 1.22 13.50
C GLY A 159 12.41 0.29 13.57
N ILE A 160 12.29 -0.82 14.32
CA ILE A 160 13.36 -1.83 14.35
C ILE A 160 12.68 -3.13 14.05
N GLU A 161 13.10 -3.76 12.95
CA GLU A 161 12.55 -5.06 12.63
C GLU A 161 13.56 -6.19 12.87
N LEU A 162 13.12 -7.20 13.62
CA LEU A 162 13.93 -8.39 13.85
C LEU A 162 13.26 -9.46 12.98
N THR A 163 14.06 -10.21 12.23
CA THR A 163 13.54 -11.21 11.27
C THR A 163 14.54 -12.33 11.11
N ASP A 164 14.06 -13.51 10.80
CA ASP A 164 14.97 -14.62 10.50
C ASP A 164 15.04 -14.86 8.98
N SER A 165 14.48 -13.94 8.20
CA SER A 165 14.49 -14.03 6.72
C SER A 165 15.42 -13.01 6.02
N PRO A 166 16.49 -13.50 5.37
CA PRO A 166 17.32 -12.64 4.51
C PRO A 166 16.51 -12.00 3.37
N TYR A 167 15.49 -12.69 2.84
CA TYR A 167 14.57 -12.11 1.85
C TYR A 167 13.92 -10.80 2.35
N VAL A 168 13.51 -10.80 3.62
CA VAL A 168 12.94 -9.61 4.29
C VAL A 168 13.98 -8.51 4.42
N VAL A 169 15.20 -8.86 4.83
CA VAL A 169 16.31 -7.89 4.92
C VAL A 169 16.56 -7.19 3.59
N ALA A 170 16.74 -7.98 2.54
CA ALA A 170 16.98 -7.44 1.20
C ALA A 170 15.82 -6.57 0.73
N SER A 171 14.60 -7.07 0.89
CA SER A 171 13.42 -6.32 0.47
C SER A 171 13.21 -5.04 1.28
N MET A 172 13.58 -5.07 2.57
CA MET A 172 13.49 -3.90 3.44
C MET A 172 14.50 -2.81 3.12
N ARG A 173 15.68 -3.19 2.62
CA ARG A 173 16.69 -2.19 2.24
C ARG A 173 16.18 -1.32 1.08
N ILE A 174 15.39 -1.93 0.20
CA ILE A 174 14.76 -1.27 -0.94
C ILE A 174 13.52 -0.49 -0.51
N MET A 175 12.65 -1.12 0.29
CA MET A 175 11.33 -0.53 0.62
C MET A 175 11.36 0.52 1.74
N THR A 176 12.47 0.58 2.48
CA THR A 176 12.64 1.54 3.58
C THR A 176 14.06 2.09 3.50
N ARG A 177 14.36 3.05 4.36
CA ARG A 177 15.73 3.51 4.51
C ARG A 177 16.29 2.83 5.74
N MET A 178 17.28 1.97 5.54
CA MET A 178 17.76 1.14 6.65
C MET A 178 19.26 1.12 6.82
N GLY A 179 19.70 0.82 8.03
CA GLY A 179 21.13 0.74 8.31
C GLY A 179 21.54 1.56 9.49
N THR A 180 22.86 1.80 9.58
CA THR A 180 23.54 2.42 10.73
C THR A 180 23.16 3.89 10.96
N SER A 181 22.99 4.64 9.87
CA SER A 181 22.49 5.99 9.93
C SER A 181 21.09 6.05 10.57
N VAL A 182 20.27 5.02 10.41
CA VAL A 182 19.00 5.07 11.13
C VAL A 182 19.23 4.99 12.65
N LEU A 183 20.15 4.13 13.09
CA LEU A 183 20.44 3.96 14.52
C LEU A 183 21.07 5.21 15.13
N GLU A 184 21.93 5.86 14.37
CA GLU A 184 22.54 7.10 14.85
C GLU A 184 21.50 8.21 15.02
N ALA A 185 20.72 8.47 13.96
CA ALA A 185 19.51 9.31 14.04
C ALA A 185 18.59 9.00 15.23
N LEU A 186 18.30 7.72 15.47
CA LEU A 186 17.32 7.31 16.49
C LEU A 186 17.69 7.78 17.88
N GLY A 187 18.93 7.50 18.28
CA GLY A 187 19.40 7.79 19.63
C GLY A 187 18.55 7.10 20.67
N ASP A 188 18.20 7.83 21.72
CA ASP A 188 17.34 7.31 22.78
C ASP A 188 15.84 7.47 22.51
N GLY A 189 15.49 7.79 21.27
CA GLY A 189 14.12 8.05 20.88
C GLY A 189 13.26 6.81 20.86
N GLU A 190 11.97 7.03 20.62
CA GLU A 190 10.99 5.96 20.51
C GLU A 190 11.02 5.36 19.12
N PHE A 191 10.67 4.08 19.03
CA PHE A 191 10.65 3.39 17.75
C PHE A 191 9.57 2.36 17.84
N ILE A 192 9.01 2.00 16.69
CA ILE A 192 8.05 0.91 16.59
C ILE A 192 8.80 -0.42 16.59
N LYS A 193 8.33 -1.35 17.42
CA LYS A 193 8.97 -2.65 17.59
C LYS A 193 8.32 -3.64 16.64
N CYS A 194 9.12 -4.23 15.74
CA CYS A 194 8.64 -5.11 14.70
C CYS A 194 9.35 -6.46 14.80
N LEU A 195 8.60 -7.50 15.11
CA LEU A 195 9.18 -8.82 15.26
C LEU A 195 8.52 -9.73 14.23
N HIS A 196 9.33 -10.46 13.47
CA HIS A 196 8.87 -11.37 12.42
C HIS A 196 9.64 -12.69 12.48
N SER A 197 8.94 -13.80 12.31
CA SER A 197 9.64 -15.06 12.08
C SER A 197 8.87 -15.85 11.06
N VAL A 198 9.60 -16.53 10.17
CA VAL A 198 8.96 -17.44 9.22
C VAL A 198 8.35 -18.67 9.90
N GLY A 199 8.72 -18.93 11.16
CA GLY A 199 8.08 -20.00 11.93
C GLY A 199 8.52 -21.42 11.63
N CYS A 200 9.80 -21.57 11.30
CA CYS A 200 10.43 -22.82 10.87
C CYS A 200 11.78 -23.03 11.55
N PRO A 201 11.81 -23.24 12.88
CA PRO A 201 13.10 -23.42 13.54
C PRO A 201 13.86 -24.64 13.04
N LEU A 202 15.19 -24.57 13.07
CA LEU A 202 16.01 -25.73 12.69
C LEU A 202 16.29 -26.59 13.94
N PRO A 203 16.15 -27.93 13.83
CA PRO A 203 15.86 -28.74 12.64
C PRO A 203 14.41 -28.61 12.18
N LEU A 204 14.18 -28.60 10.87
CA LEU A 204 12.83 -28.46 10.31
C LEU A 204 11.96 -29.64 10.65
N LYS A 205 10.74 -29.38 11.11
CA LYS A 205 9.80 -30.46 11.43
C LYS A 205 8.85 -30.75 10.29
N LYS A 206 8.75 -29.79 9.37
CA LYS A 206 7.88 -29.94 8.21
C LYS A 206 8.66 -29.73 6.90
N PRO A 207 8.17 -30.31 5.78
CA PRO A 207 8.91 -30.22 4.51
C PRO A 207 9.16 -28.77 4.10
N LEU A 208 10.35 -28.48 3.60
CA LEU A 208 10.61 -27.17 3.04
C LEU A 208 10.17 -27.22 1.58
N VAL A 209 9.27 -26.32 1.20
CA VAL A 209 8.79 -26.27 -0.18
C VAL A 209 9.41 -25.08 -0.92
N ASN A 210 9.99 -25.38 -2.07
CA ASN A 210 10.57 -24.39 -2.97
C ASN A 210 11.54 -23.45 -2.27
N ASN A 211 12.30 -24.00 -1.32
CA ASN A 211 13.29 -23.24 -0.53
C ASN A 211 12.74 -21.94 0.07
N TRP A 212 11.47 -22.00 0.48
CA TRP A 212 10.71 -20.88 1.03
C TRP A 212 10.12 -21.28 2.38
N ALA A 213 10.81 -20.84 3.44
CA ALA A 213 10.41 -21.13 4.79
C ALA A 213 9.15 -20.35 5.14
N CYS A 214 8.14 -21.06 5.61
CA CYS A 214 6.88 -20.47 6.07
C CYS A 214 6.10 -21.50 6.89
N ASN A 215 5.08 -21.03 7.59
CA ASN A 215 4.25 -21.85 8.44
C ASN A 215 2.80 -21.38 8.29
N PRO A 216 2.12 -21.79 7.20
CA PRO A 216 0.76 -21.38 6.86
C PRO A 216 -0.26 -21.64 7.98
N GLU A 217 -0.14 -22.79 8.65
CA GLU A 217 -1.10 -23.15 9.69
C GLU A 217 -1.08 -22.21 10.89
N LEU A 218 0.09 -21.64 11.19
CA LEU A 218 0.27 -20.74 12.35
C LEU A 218 0.46 -19.26 12.00
N THR A 219 0.20 -18.91 10.74
CA THR A 219 0.39 -17.53 10.30
C THR A 219 -0.48 -16.55 11.08
N LEU A 220 0.15 -15.50 11.61
CA LEU A 220 -0.60 -14.50 12.36
C LEU A 220 0.14 -13.21 12.25
N ILE A 221 -0.58 -12.16 11.86
CA ILE A 221 0.00 -10.83 11.70
C ILE A 221 -0.73 -9.91 12.67
N ALA A 222 -0.03 -9.55 13.75
CA ALA A 222 -0.65 -8.85 14.87
C ALA A 222 -0.08 -7.46 15.11
N HIS A 223 -0.96 -6.54 15.50
CA HIS A 223 -0.59 -5.18 15.83
C HIS A 223 -1.10 -4.86 17.21
N LEU A 224 -0.22 -4.23 17.98
CA LEU A 224 -0.51 -3.84 19.36
C LEU A 224 -0.16 -2.36 19.49
N PRO A 225 -1.07 -1.47 19.03
CA PRO A 225 -0.76 -0.03 19.01
C PRO A 225 -0.42 0.58 20.35
N ASP A 226 -1.02 0.09 21.42
CA ASP A 226 -0.75 0.65 22.76
C ASP A 226 0.61 0.26 23.31
N ARG A 227 1.17 -0.82 22.76
CA ARG A 227 2.52 -1.28 23.05
C ARG A 227 3.51 -0.85 21.96
N ARG A 228 3.00 -0.20 20.90
CA ARG A 228 3.77 0.17 19.71
CA ARG A 228 3.78 0.17 19.72
C ARG A 228 4.53 -1.04 19.16
N GLU A 229 3.82 -2.17 19.05
CA GLU A 229 4.45 -3.41 18.59
C GLU A 229 3.73 -3.96 17.40
N ILE A 230 4.50 -4.49 16.46
CA ILE A 230 3.95 -5.36 15.41
C ILE A 230 4.59 -6.75 15.54
N ILE A 231 3.77 -7.80 15.56
CA ILE A 231 4.29 -9.14 15.78
C ILE A 231 3.69 -10.08 14.75
N SER A 232 4.57 -10.62 13.90
CA SER A 232 4.19 -11.34 12.71
C SER A 232 4.91 -12.67 12.56
N PHE A 233 4.13 -13.73 12.38
CA PHE A 233 4.65 -15.08 12.43
C PHE A 233 4.14 -15.87 11.25
N GLY A 234 5.00 -16.63 10.61
CA GLY A 234 4.52 -17.73 9.74
C GLY A 234 4.51 -17.46 8.24
N SER A 235 4.55 -16.18 7.84
CA SER A 235 4.63 -15.82 6.42
C SER A 235 5.88 -15.02 6.13
N GLY A 236 6.54 -15.33 5.02
CA GLY A 236 7.67 -14.54 4.57
C GLY A 236 7.30 -13.53 3.51
N TYR A 237 6.00 -13.47 3.17
CA TYR A 237 5.53 -12.70 2.01
C TYR A 237 5.18 -11.23 2.28
N GLY A 238 5.65 -10.37 1.40
CA GLY A 238 5.26 -8.95 1.30
C GLY A 238 4.66 -8.27 2.51
N GLY A 239 3.34 -8.05 2.48
CA GLY A 239 2.65 -7.30 3.53
C GLY A 239 2.68 -7.92 4.92
N ASN A 240 2.92 -9.22 4.97
CA ASN A 240 3.02 -9.98 6.22
C ASN A 240 4.40 -9.93 6.86
N SER A 241 5.43 -9.61 6.07
CA SER A 241 6.82 -9.71 6.51
C SER A 241 7.65 -8.44 6.43
N LEU A 242 7.38 -7.60 5.43
CA LEU A 242 8.00 -6.26 5.35
C LEU A 242 7.09 -5.40 6.17
N LEU A 243 7.44 -5.26 7.44
CA LEU A 243 6.50 -4.76 8.44
C LEU A 243 6.33 -3.24 8.43
N GLY A 244 7.30 -2.53 7.85
CA GLY A 244 7.24 -1.09 7.64
C GLY A 244 6.05 -0.64 6.79
N LYS A 245 5.70 -1.46 5.80
CA LYS A 245 4.76 -1.09 4.75
C LYS A 245 3.30 -0.92 5.22
N LYS A 246 2.60 -2.03 5.40
CA LYS A 246 1.19 -1.95 5.79
C LYS A 246 0.98 -1.97 7.31
N CYS A 247 1.73 -2.83 7.99
CA CYS A 247 1.57 -3.02 9.44
C CYS A 247 1.92 -1.73 10.16
N PHE A 248 3.03 -1.19 9.77
CA PHE A 248 3.52 0.03 10.34
C PHE A 248 2.85 1.23 9.63
N ALA A 249 3.17 1.44 8.36
CA ALA A 249 2.79 2.67 7.61
C ALA A 249 1.28 2.91 7.46
N LEU A 250 0.46 1.87 7.56
CA LEU A 250 -1.00 2.05 7.61
C LEU A 250 -1.66 1.78 8.97
N ARG A 251 -1.55 0.55 9.48
CA ARG A 251 -2.29 0.17 10.71
C ARG A 251 -1.79 0.92 11.94
N ILE A 252 -0.53 0.75 12.30
CA ILE A 252 -0.01 1.44 13.47
C ILE A 252 -0.11 2.95 13.30
N ALA A 253 0.36 3.43 12.14
CA ALA A 253 0.51 4.86 11.82
C ALA A 253 -0.85 5.56 11.77
N SER A 254 -1.91 4.90 11.31
CA SER A 254 -3.20 5.60 11.27
C SER A 254 -3.75 5.84 12.67
N ARG A 255 -3.28 5.05 13.63
CA ARG A 255 -3.71 5.23 15.01
C ARG A 255 -2.93 6.36 15.65
N LEU A 256 -1.62 6.37 15.43
CA LEU A 256 -0.77 7.50 15.84
C LEU A 256 -1.30 8.80 15.25
N ALA A 257 -1.60 8.78 13.96
CA ALA A 257 -2.19 9.90 13.26
C ALA A 257 -3.45 10.46 13.92
N LYS A 258 -4.40 9.58 14.23
CA LYS A 258 -5.60 9.90 15.00
C LYS A 258 -5.25 10.59 16.32
N GLU A 259 -4.25 10.05 17.02
CA GLU A 259 -3.80 10.59 18.31
C GLU A 259 -3.14 11.96 18.16
N GLU A 260 -2.39 12.14 17.08
CA GLU A 260 -1.54 13.31 16.94
C GLU A 260 -2.07 14.37 15.94
N GLY A 261 -3.19 14.07 15.28
CA GLY A 261 -3.84 15.05 14.41
C GLY A 261 -3.35 15.07 12.96
N TRP A 262 -2.85 13.94 12.47
CA TRP A 262 -2.46 13.83 11.06
C TRP A 262 -3.12 12.63 10.36
N LEU A 263 -2.65 12.26 9.17
CA LEU A 263 -3.29 11.23 8.37
C LEU A 263 -2.32 10.22 7.75
N ALA A 264 -2.63 8.93 7.88
CA ALA A 264 -1.80 7.87 7.29
C ALA A 264 -2.70 7.11 6.35
N GLU A 265 -2.44 7.28 5.06
CA GLU A 265 -3.42 6.89 4.05
C GLU A 265 -2.85 6.00 2.96
N HIS A 266 -3.72 5.19 2.38
CA HIS A 266 -3.38 4.28 1.31
C HIS A 266 -3.48 5.06 -0.01
N MET A 267 -2.58 6.02 -0.19
CA MET A 267 -2.62 6.95 -1.31
C MET A 267 -1.30 7.08 -2.05
N LEU A 268 -1.38 7.08 -3.38
CA LEU A 268 -0.26 7.52 -4.20
C LEU A 268 -0.12 9.03 -4.01
N ILE A 269 1.07 9.54 -4.31
CA ILE A 269 1.28 10.97 -4.39
C ILE A 269 1.97 11.21 -5.73
N LEU A 270 1.49 12.21 -6.47
CA LEU A 270 2.13 12.62 -7.72
C LEU A 270 2.15 14.13 -7.84
N GLY A 271 3.16 14.64 -8.52
CA GLY A 271 3.22 16.05 -8.91
C GLY A 271 2.88 16.21 -10.38
N ILE A 272 2.02 17.17 -10.69
CA ILE A 272 1.65 17.45 -12.07
C ILE A 272 1.88 18.92 -12.44
N THR A 273 2.66 19.14 -13.51
CA THR A 273 3.00 20.48 -13.98
C THR A 273 2.34 20.74 -15.34
N ASN A 274 1.73 21.93 -15.47
CA ASN A 274 1.07 22.30 -16.73
C ASN A 274 2.01 23.03 -17.71
N PRO A 275 1.55 23.31 -18.95
CA PRO A 275 2.37 23.99 -19.97
C PRO A 275 2.83 25.41 -19.62
N GLU A 276 2.42 25.95 -18.48
CA GLU A 276 2.83 27.28 -18.05
C GLU A 276 3.70 27.24 -16.79
N GLY A 277 4.21 26.05 -16.48
CA GLY A 277 5.13 25.86 -15.35
C GLY A 277 4.50 25.78 -13.97
N LYS A 278 3.17 25.80 -13.90
CA LYS A 278 2.47 25.69 -12.62
C LYS A 278 2.37 24.23 -12.18
N LYS A 279 2.82 23.94 -10.97
CA LYS A 279 2.87 22.57 -10.44
C LYS A 279 1.88 22.35 -9.27
N LYS A 280 1.16 21.23 -9.32
CA LYS A 280 0.29 20.82 -8.22
C LYS A 280 0.56 19.39 -7.79
N TYR A 281 0.49 19.14 -6.49
CA TYR A 281 0.53 17.75 -5.97
C TYR A 281 -0.85 17.19 -5.65
N LEU A 282 -1.04 15.92 -6.05
CA LEU A 282 -2.30 15.19 -5.88
C LEU A 282 -2.09 13.86 -5.16
N ALA A 283 -3.02 13.49 -4.29
CA ALA A 283 -2.99 12.19 -3.67
C ALA A 283 -4.18 11.39 -4.20
N ALA A 284 -4.02 10.09 -4.38
CA ALA A 284 -5.14 9.23 -4.76
C ALA A 284 -5.14 7.89 -4.05
N ALA A 285 -6.34 7.45 -3.66
CA ALA A 285 -6.56 6.18 -2.97
C ALA A 285 -7.43 5.31 -3.86
N PHE A 286 -6.83 4.25 -4.40
CA PHE A 286 -7.59 3.26 -5.19
C PHE A 286 -7.44 1.89 -4.53
N PRO A 287 -8.48 1.05 -4.66
CA PRO A 287 -8.39 -0.37 -4.31
C PRO A 287 -7.59 -1.17 -5.35
N SER A 288 -7.83 -2.48 -5.37
CA SER A 288 -6.96 -3.41 -6.11
C SER A 288 -7.36 -3.59 -7.56
N ALA A 289 -6.35 -3.65 -8.42
CA ALA A 289 -6.51 -3.76 -9.89
C ALA A 289 -7.13 -2.49 -10.47
N CYS A 290 -6.73 -1.35 -9.91
CA CYS A 290 -7.31 -0.06 -10.28
CA CYS A 290 -7.32 -0.06 -10.28
C CYS A 290 -6.29 0.95 -10.82
N GLY A 291 -5.00 0.62 -10.68
CA GLY A 291 -3.94 1.37 -11.37
C GLY A 291 -3.30 2.53 -10.62
N LYS A 292 -2.95 2.33 -9.36
CA LYS A 292 -2.26 3.37 -8.58
C LYS A 292 -0.89 3.67 -9.15
N THR A 293 -0.08 2.62 -9.30
CA THR A 293 1.28 2.75 -9.79
C THR A 293 1.28 3.38 -11.20
N ASN A 294 0.37 2.91 -12.06
CA ASN A 294 0.15 3.48 -13.40
C ASN A 294 -0.09 4.99 -13.39
N LEU A 295 -0.91 5.47 -12.45
CA LEU A 295 -1.24 6.89 -12.36
C LEU A 295 -0.08 7.68 -11.77
N ALA A 296 0.54 7.13 -10.73
CA ALA A 296 1.63 7.78 -10.02
C ALA A 296 2.85 7.97 -10.93
N MET A 297 2.99 7.08 -11.90
CA MET A 297 4.11 7.12 -12.83
C MET A 297 3.67 7.35 -14.26
N MET A 298 2.45 7.86 -14.45
CA MET A 298 1.90 7.98 -15.79
C MET A 298 2.77 8.82 -16.71
N ASN A 299 2.73 8.44 -17.99
CA ASN A 299 3.34 9.18 -19.05
C ASN A 299 2.22 9.95 -19.74
N PRO A 300 2.08 11.25 -19.43
CA PRO A 300 0.93 12.02 -19.93
C PRO A 300 0.97 12.17 -21.45
N THR A 301 -0.19 12.17 -22.08
CA THR A 301 -0.27 12.26 -23.53
C THR A 301 -0.42 13.72 -23.98
N LEU A 302 -0.87 14.58 -23.07
CA LEU A 302 -1.09 15.99 -23.39
C LEU A 302 0.22 16.74 -23.43
N PRO A 303 0.51 17.39 -24.56
CA PRO A 303 1.74 18.15 -24.78
C PRO A 303 1.92 19.25 -23.72
N GLY A 304 3.16 19.44 -23.28
CA GLY A 304 3.47 20.48 -22.31
C GLY A 304 3.23 20.09 -20.85
N TRP A 305 2.47 19.02 -20.62
CA TRP A 305 2.22 18.51 -19.26
C TRP A 305 3.28 17.52 -18.81
N LYS A 306 3.55 17.53 -17.50
CA LYS A 306 4.54 16.64 -16.90
C LYS A 306 3.92 16.01 -15.65
N VAL A 307 4.17 14.71 -15.47
CA VAL A 307 3.79 14.01 -14.24
C VAL A 307 5.04 13.42 -13.59
N GLU A 308 5.23 13.72 -12.30
CA GLU A 308 6.37 13.21 -11.53
C GLU A 308 5.89 12.49 -10.26
N CYS A 309 6.60 11.41 -9.91
CA CYS A 309 6.20 10.49 -8.84
C CYS A 309 6.86 10.79 -7.49
N VAL A 310 6.03 10.97 -6.47
CA VAL A 310 6.51 11.05 -5.08
C VAL A 310 6.41 9.67 -4.40
N GLY A 311 5.27 9.00 -4.56
CA GLY A 311 5.08 7.63 -4.06
C GLY A 311 3.90 6.92 -4.73
N ASP A 312 3.86 5.60 -4.64
CA ASP A 312 2.79 4.83 -5.31
C ASP A 312 1.84 4.04 -4.41
N ASP A 313 1.94 4.18 -3.07
CA ASP A 313 1.16 3.33 -2.15
C ASP A 313 0.71 4.03 -0.85
N ILE A 314 1.62 4.73 -0.16
CA ILE A 314 1.29 5.34 1.15
C ILE A 314 1.65 6.82 1.22
N ALA A 315 0.80 7.59 1.88
CA ALA A 315 1.04 9.01 2.14
C ALA A 315 0.83 9.31 3.61
N TRP A 316 1.81 9.95 4.24
CA TRP A 316 1.59 10.51 5.55
C TRP A 316 1.42 12.03 5.36
N MET A 317 0.32 12.56 5.87
CA MET A 317 -0.07 13.94 5.59
C MET A 317 -0.42 14.69 6.85
N LYS A 318 0.05 15.92 6.94
CA LYS A 318 -0.21 16.75 8.11
C LYS A 318 -0.32 18.22 7.69
N PHE A 319 -1.30 18.94 8.22
CA PHE A 319 -1.41 20.38 8.00
C PHE A 319 -0.28 21.08 8.74
N ASP A 320 0.39 22.03 8.08
CA ASP A 320 1.42 22.86 8.73
C ASP A 320 0.82 24.12 9.35
N ALA A 321 1.69 25.02 9.83
CA ALA A 321 1.24 26.24 10.48
C ALA A 321 0.43 27.14 9.55
N GLN A 322 0.70 27.03 8.25
CA GLN A 322 0.05 27.87 7.24
C GLN A 322 -1.25 27.27 6.70
N GLY A 323 -1.58 26.05 7.13
CA GLY A 323 -2.79 25.38 6.69
C GLY A 323 -2.63 24.52 5.44
N ASN A 324 -1.40 24.37 4.96
CA ASN A 324 -1.12 23.49 3.83
C ASN A 324 -1.09 22.03 4.29
N LEU A 325 -1.73 21.16 3.52
CA LEU A 325 -1.68 19.73 3.81
C LEU A 325 -0.41 19.10 3.22
N ARG A 326 0.59 18.90 4.06
CA ARG A 326 1.92 18.50 3.62
C ARG A 326 2.08 16.99 3.71
N ALA A 327 2.53 16.39 2.61
CA ALA A 327 2.61 14.92 2.52
C ALA A 327 4.01 14.43 2.23
N ILE A 328 4.39 13.34 2.89
CA ILE A 328 5.58 12.57 2.51
C ILE A 328 5.18 11.14 2.11
N ASN A 329 5.97 10.54 1.20
CA ASN A 329 5.95 9.10 0.97
C ASN A 329 6.86 8.49 2.02
N PRO A 330 6.30 7.64 2.92
CA PRO A 330 7.17 7.10 3.95
C PRO A 330 8.04 5.95 3.43
N GLU A 331 7.67 5.37 2.29
CA GLU A 331 8.44 4.27 1.68
C GLU A 331 9.66 4.77 0.90
N ASN A 332 10.56 3.83 0.55
CA ASN A 332 11.82 4.12 -0.15
C ASN A 332 11.88 3.43 -1.50
N GLY A 333 10.83 2.67 -1.83
CA GLY A 333 10.75 1.93 -3.08
C GLY A 333 9.32 1.65 -3.51
N PHE A 334 9.18 0.93 -4.61
CA PHE A 334 7.88 0.51 -5.09
C PHE A 334 7.76 -1.00 -5.04
N PHE A 335 6.67 -1.46 -4.41
CA PHE A 335 6.36 -2.88 -4.31
C PHE A 335 5.11 -3.12 -5.17
N GLY A 336 5.30 -3.01 -6.49
CA GLY A 336 4.19 -3.07 -7.44
C GLY A 336 3.77 -4.43 -7.94
N VAL A 337 2.49 -4.55 -8.30
CA VAL A 337 1.95 -5.76 -8.93
C VAL A 337 2.59 -5.90 -10.31
N ALA A 338 3.17 -7.07 -10.57
CA ALA A 338 3.90 -7.29 -11.82
C ALA A 338 2.97 -7.50 -13.03
N PRO A 339 2.05 -8.49 -12.97
CA PRO A 339 1.21 -8.75 -14.15
C PRO A 339 0.41 -7.53 -14.60
N GLY A 340 0.39 -7.30 -15.91
CA GLY A 340 -0.30 -6.15 -16.49
C GLY A 340 0.60 -4.94 -16.67
N THR A 341 1.83 -5.04 -16.18
CA THR A 341 2.85 -3.99 -16.35
C THR A 341 3.49 -4.18 -17.73
N SER A 342 3.32 -3.16 -18.59
CA SER A 342 3.82 -3.18 -19.96
CA SER A 342 3.83 -3.19 -19.95
C SER A 342 4.34 -1.82 -20.38
N VAL A 343 4.94 -1.75 -21.57
CA VAL A 343 5.39 -0.48 -22.14
C VAL A 343 4.18 0.43 -22.35
N LYS A 344 3.06 -0.16 -22.74
CA LYS A 344 1.80 0.56 -22.92
C LYS A 344 1.18 1.09 -21.61
N THR A 345 1.07 0.22 -20.60
CA THR A 345 0.39 0.56 -19.37
C THR A 345 1.23 1.40 -18.41
N ASN A 346 2.54 1.13 -18.37
CA ASN A 346 3.42 1.79 -17.41
C ASN A 346 4.87 1.81 -17.86
N PRO A 347 5.19 2.64 -18.89
CA PRO A 347 6.56 2.64 -19.44
C PRO A 347 7.62 3.06 -18.43
N ASN A 348 7.26 3.95 -17.50
CA ASN A 348 8.23 4.40 -16.49
C ASN A 348 8.63 3.33 -15.46
N ALA A 349 7.70 2.41 -15.17
CA ALA A 349 7.98 1.24 -14.33
C ALA A 349 8.90 0.24 -15.03
N ILE A 350 8.68 0.04 -16.33
CA ILE A 350 9.56 -0.79 -17.15
C ILE A 350 11.02 -0.29 -17.01
N LYS A 351 11.19 1.03 -17.14
CA LYS A 351 12.48 1.69 -16.96
C LYS A 351 13.11 1.52 -15.57
N THR A 352 12.26 1.45 -14.55
CA THR A 352 12.73 1.36 -13.16
C THR A 352 13.24 -0.05 -12.84
N ILE A 353 12.54 -1.08 -13.31
CA ILE A 353 12.68 -2.44 -12.78
C ILE A 353 13.75 -3.31 -13.45
N GLN A 354 14.53 -2.73 -14.35
CA GLN A 354 15.55 -3.49 -15.07
C GLN A 354 16.91 -3.45 -14.38
N LYS A 355 16.95 -2.88 -13.19
CA LYS A 355 18.17 -2.68 -12.42
C LYS A 355 17.85 -2.78 -10.93
N ASN A 356 18.72 -3.49 -10.19
CA ASN A 356 18.65 -3.54 -8.71
C ASN A 356 17.27 -3.90 -8.15
N THR A 357 16.58 -4.81 -8.82
CA THR A 357 15.18 -5.10 -8.53
C THR A 357 14.99 -6.56 -8.15
N ILE A 358 14.26 -6.78 -7.08
CA ILE A 358 13.89 -8.12 -6.66
C ILE A 358 12.48 -8.40 -7.15
N PHE A 359 12.36 -9.49 -7.91
CA PHE A 359 11.07 -9.96 -8.40
C PHE A 359 10.64 -11.17 -7.58
N THR A 360 9.32 -11.31 -7.37
CA THR A 360 8.75 -12.45 -6.64
C THR A 360 7.55 -13.03 -7.36
N ASN A 361 7.62 -14.35 -7.63
CA ASN A 361 6.54 -15.14 -8.25
C ASN A 361 6.14 -14.77 -9.69
N VAL A 362 7.11 -14.29 -10.47
CA VAL A 362 6.91 -14.07 -11.91
C VAL A 362 7.59 -15.19 -12.70
N ALA A 363 7.30 -15.27 -14.00
CA ALA A 363 7.94 -16.26 -14.85
C ALA A 363 9.34 -15.80 -15.28
N GLU A 364 10.19 -16.75 -15.64
CA GLU A 364 11.55 -16.46 -16.09
C GLU A 364 11.77 -17.01 -17.51
N THR A 365 12.34 -16.17 -18.37
CA THR A 365 12.67 -16.59 -19.73
C THR A 365 14.05 -17.25 -19.79
N SER A 366 14.28 -18.04 -20.82
CA SER A 366 15.51 -18.84 -20.94
C SER A 366 16.79 -18.00 -21.07
N ASP A 367 16.64 -16.74 -21.45
CA ASP A 367 17.77 -15.80 -21.50
C ASP A 367 17.94 -15.00 -20.18
N GLY A 368 17.17 -15.39 -19.16
CA GLY A 368 17.28 -14.79 -17.84
C GLY A 368 16.47 -13.52 -17.64
N GLY A 369 15.42 -13.34 -18.44
CA GLY A 369 14.48 -12.22 -18.27
C GLY A 369 13.27 -12.59 -17.44
N VAL A 370 12.36 -11.63 -17.26
CA VAL A 370 11.11 -11.85 -16.54
C VAL A 370 9.91 -11.84 -17.48
N TYR A 371 8.86 -12.58 -17.10
CA TYR A 371 7.64 -12.65 -17.89
C TYR A 371 6.40 -12.74 -17.01
N TRP A 372 5.30 -12.15 -17.49
CA TRP A 372 4.02 -12.18 -16.77
C TRP A 372 2.83 -11.94 -17.69
N GLU A 373 1.65 -12.40 -17.26
CA GLU A 373 0.40 -12.15 -17.95
CA GLU A 373 0.41 -12.14 -17.97
C GLU A 373 0.21 -10.65 -18.15
N GLY A 374 -0.15 -10.27 -19.38
CA GLY A 374 -0.37 -8.87 -19.69
C GLY A 374 0.91 -8.10 -19.95
N ILE A 375 2.05 -8.79 -19.94
CA ILE A 375 3.26 -8.20 -20.49
C ILE A 375 3.02 -8.15 -22.01
N ASP A 376 3.38 -7.05 -22.63
CA ASP A 376 3.07 -6.85 -24.05
C ASP A 376 4.34 -6.96 -24.85
N GLU A 377 5.05 -8.07 -24.66
CA GLU A 377 6.36 -8.28 -25.30
C GLU A 377 6.51 -9.69 -25.88
N PRO A 378 6.51 -9.79 -27.22
CA PRO A 378 6.86 -11.03 -27.91
C PRO A 378 8.29 -11.47 -27.59
N LEU A 379 8.48 -12.76 -27.44
CA LEU A 379 9.81 -13.32 -27.22
C LEU A 379 10.35 -13.85 -28.54
N ALA A 380 11.67 -13.74 -28.71
CA ALA A 380 12.36 -14.27 -29.89
C ALA A 380 12.10 -15.77 -30.03
N PRO A 381 12.02 -16.27 -31.28
CA PRO A 381 11.95 -17.73 -31.47
C PRO A 381 13.12 -18.40 -30.78
N GLY A 382 12.84 -19.49 -30.07
CA GLY A 382 13.87 -20.15 -29.26
C GLY A 382 13.75 -19.87 -27.78
N VAL A 383 13.42 -18.63 -27.44
CA VAL A 383 13.28 -18.21 -26.04
C VAL A 383 12.07 -18.91 -25.39
N THR A 384 12.32 -19.65 -24.32
CA THR A 384 11.29 -20.40 -23.61
C THR A 384 11.02 -19.83 -22.22
N ILE A 385 9.89 -20.21 -21.64
CA ILE A 385 9.44 -19.66 -20.35
C ILE A 385 9.34 -20.73 -19.25
N THR A 386 9.84 -20.38 -18.07
CA THR A 386 9.61 -21.14 -16.85
C THR A 386 8.64 -20.33 -16.01
N SER A 387 7.53 -20.96 -15.59
CA SER A 387 6.53 -20.27 -14.79
C SER A 387 7.00 -20.07 -13.35
N TRP A 388 6.22 -19.32 -12.58
CA TRP A 388 6.49 -19.05 -11.16
C TRP A 388 6.44 -20.31 -10.30
N LYS A 389 5.98 -21.41 -10.88
CA LYS A 389 5.91 -22.71 -10.20
C LYS A 389 7.10 -23.61 -10.56
N ASN A 390 8.09 -23.04 -11.22
CA ASN A 390 9.29 -23.76 -11.68
C ASN A 390 9.00 -24.89 -12.67
N LYS A 391 8.13 -24.60 -13.62
CA LYS A 391 7.69 -25.56 -14.60
C LYS A 391 7.81 -24.95 -15.99
N GLU A 392 8.03 -25.80 -16.99
CA GLU A 392 8.01 -25.39 -18.39
C GLU A 392 6.63 -24.85 -18.72
N TRP A 393 6.56 -23.74 -19.44
CA TRP A 393 5.29 -23.08 -19.71
C TRP A 393 5.16 -22.51 -21.13
N ARG A 394 3.96 -22.65 -21.69
CA ARG A 394 3.60 -22.05 -22.98
C ARG A 394 2.28 -21.27 -22.83
N PRO A 395 2.13 -20.16 -23.60
CA PRO A 395 0.89 -19.35 -23.55
C PRO A 395 -0.37 -20.12 -23.98
N GLN A 396 -0.23 -21.42 -24.20
CA GLN A 396 -1.34 -22.31 -24.59
C GLN A 396 -1.90 -23.06 -23.36
N ASP A 397 -1.27 -22.85 -22.21
CA ASP A 397 -1.74 -23.41 -20.94
C ASP A 397 -2.87 -22.56 -20.38
N GLU A 398 -3.69 -23.15 -19.51
CA GLU A 398 -4.78 -22.45 -18.86
C GLU A 398 -4.36 -21.80 -17.54
N GLU A 399 -3.20 -22.21 -17.04
CA GLU A 399 -2.62 -21.61 -15.83
C GLU A 399 -1.75 -20.41 -16.19
N PRO A 400 -1.81 -19.33 -15.39
CA PRO A 400 -0.92 -18.19 -15.58
C PRO A 400 0.55 -18.53 -15.31
N CYS A 401 1.46 -17.88 -16.05
CA CYS A 401 2.90 -18.10 -15.88
C CYS A 401 3.43 -17.36 -14.65
N ALA A 402 2.70 -16.32 -14.24
CA ALA A 402 3.01 -15.57 -13.03
C ALA A 402 1.81 -15.62 -12.09
N HIS A 403 2.06 -15.63 -10.79
CA HIS A 403 0.97 -15.52 -9.83
C HIS A 403 0.35 -14.13 -9.95
N PRO A 404 -0.99 -14.03 -9.87
CA PRO A 404 -1.66 -12.72 -9.99
C PRO A 404 -1.20 -11.67 -8.97
N ASN A 405 -0.72 -12.12 -7.82
CA ASN A 405 -0.23 -11.20 -6.79
C ASN A 405 1.30 -11.08 -6.78
N SER A 406 1.95 -11.57 -7.85
CA SER A 406 3.40 -11.46 -8.03
C SER A 406 3.87 -10.00 -8.09
N ARG A 407 5.12 -9.77 -7.70
CA ARG A 407 5.59 -8.42 -7.41
C ARG A 407 6.94 -8.10 -8.01
N PHE A 408 7.17 -6.81 -8.25
CA PHE A 408 8.51 -6.26 -8.32
C PHE A 408 8.78 -5.38 -7.11
N CYS A 409 10.03 -5.38 -6.66
CA CYS A 409 10.43 -4.60 -5.51
C CYS A 409 11.64 -3.79 -5.96
N THR A 410 11.44 -2.48 -6.12
CA THR A 410 12.41 -1.65 -6.84
C THR A 410 12.67 -0.32 -6.14
N PRO A 411 13.92 0.19 -6.18
CA PRO A 411 14.21 1.48 -5.57
C PRO A 411 13.48 2.65 -6.24
N ALA A 412 12.92 3.52 -5.39
CA ALA A 412 12.20 4.71 -5.86
C ALA A 412 13.12 5.65 -6.62
N SER A 413 14.35 5.81 -6.15
CA SER A 413 15.35 6.68 -6.78
C SER A 413 15.63 6.35 -8.26
N GLN A 414 15.34 5.12 -8.66
CA GLN A 414 15.54 4.67 -10.04
C GLN A 414 14.41 5.03 -11.00
N CYS A 415 13.29 5.55 -10.48
CA CYS A 415 12.21 5.98 -11.33
C CYS A 415 12.69 7.19 -12.15
N PRO A 416 12.59 7.08 -13.49
CA PRO A 416 13.10 8.17 -14.33
C PRO A 416 12.33 9.47 -14.11
N ILE A 417 11.11 9.37 -13.60
CA ILE A 417 10.29 10.56 -13.31
C ILE A 417 10.06 10.77 -11.81
N ILE A 418 11.02 10.34 -11.00
CA ILE A 418 10.94 10.60 -9.56
C ILE A 418 10.94 12.11 -9.30
N ASP A 419 10.06 12.54 -8.39
CA ASP A 419 9.85 13.95 -8.15
C ASP A 419 11.02 14.53 -7.37
N PRO A 420 11.52 15.71 -7.77
CA PRO A 420 12.69 16.29 -7.13
C PRO A 420 12.51 16.60 -5.63
N ALA A 421 11.25 16.63 -5.17
CA ALA A 421 10.96 16.83 -3.76
C ALA A 421 10.47 15.56 -3.04
N TRP A 422 10.64 14.40 -3.69
CA TRP A 422 10.19 13.12 -3.13
C TRP A 422 10.81 12.77 -1.77
N GLU A 423 11.95 13.37 -1.45
CA GLU A 423 12.58 13.17 -0.13
C GLU A 423 12.72 14.45 0.68
N SER A 424 12.13 15.54 0.20
CA SER A 424 12.13 16.79 0.96
CA SER A 424 12.14 16.79 0.97
C SER A 424 11.50 16.55 2.34
N PRO A 425 12.22 16.93 3.42
CA PRO A 425 11.69 16.64 4.77
C PRO A 425 10.39 17.37 5.13
N GLU A 426 10.11 18.50 4.46
CA GLU A 426 8.91 19.30 4.72
CA GLU A 426 8.92 19.31 4.70
C GLU A 426 7.67 18.63 4.13
N GLY A 427 7.87 17.79 3.12
CA GLY A 427 6.76 17.18 2.41
C GLY A 427 6.27 18.09 1.31
N VAL A 428 5.36 17.58 0.48
CA VAL A 428 4.79 18.35 -0.64
C VAL A 428 3.34 18.80 -0.32
N PRO A 429 2.96 20.03 -0.74
CA PRO A 429 1.58 20.51 -0.46
C PRO A 429 0.49 19.87 -1.36
N ILE A 430 -0.41 19.08 -0.75
CA ILE A 430 -1.50 18.41 -1.47
C ILE A 430 -2.69 19.36 -1.73
N GLU A 431 -3.10 19.46 -3.00
CA GLU A 431 -4.17 20.38 -3.41
C GLU A 431 -5.44 19.65 -3.86
N GLY A 432 -5.29 18.35 -4.12
CA GLY A 432 -6.44 17.51 -4.47
C GLY A 432 -6.28 16.08 -3.99
N ILE A 433 -7.41 15.48 -3.61
CA ILE A 433 -7.46 14.08 -3.16
C ILE A 433 -8.44 13.34 -4.07
N ILE A 434 -7.99 12.23 -4.64
CA ILE A 434 -8.79 11.45 -5.57
C ILE A 434 -9.11 10.09 -5.00
N PHE A 435 -10.39 9.71 -5.07
CA PHE A 435 -10.86 8.37 -4.77
C PHE A 435 -11.31 7.70 -6.07
N GLY A 436 -11.21 6.38 -6.15
CA GLY A 436 -11.76 5.68 -7.32
C GLY A 436 -11.72 4.18 -7.20
N GLY A 437 -12.53 3.51 -8.02
CA GLY A 437 -12.54 2.05 -8.11
C GLY A 437 -12.89 1.57 -9.51
N ARG A 438 -13.09 0.26 -9.64
CA ARG A 438 -13.56 -0.33 -10.87
C ARG A 438 -15.08 -0.48 -10.83
N ARG A 439 -15.77 0.33 -11.62
CA ARG A 439 -17.22 0.22 -11.74
C ARG A 439 -17.61 0.12 -13.20
N PRO A 440 -18.00 -1.09 -13.67
CA PRO A 440 -18.40 -1.27 -15.06
C PRO A 440 -19.65 -0.48 -15.45
N ALA A 441 -20.48 -0.14 -14.48
CA ALA A 441 -21.73 0.56 -14.76
C ALA A 441 -22.00 1.74 -13.82
N GLY A 442 -22.75 2.72 -14.34
CA GLY A 442 -23.42 3.73 -13.54
C GLY A 442 -22.62 4.93 -13.02
N VAL A 443 -21.31 4.73 -12.85
CA VAL A 443 -20.43 5.73 -12.23
C VAL A 443 -19.59 6.46 -13.29
N PRO A 444 -19.79 7.80 -13.42
CA PRO A 444 -19.09 8.64 -14.38
C PRO A 444 -17.57 8.57 -14.30
N LEU A 445 -16.91 8.91 -15.41
CA LEU A 445 -15.45 8.99 -15.50
C LEU A 445 -14.82 9.83 -14.38
N VAL A 446 -15.44 10.97 -14.07
CA VAL A 446 -14.94 11.84 -13.02
C VAL A 446 -16.05 12.74 -12.47
N TYR A 447 -16.04 12.92 -11.15
CA TYR A 447 -16.88 13.93 -10.53
C TYR A 447 -16.17 14.53 -9.32
N GLU A 448 -16.62 15.71 -8.90
CA GLU A 448 -16.01 16.44 -7.82
C GLU A 448 -17.02 16.60 -6.69
N ALA A 449 -16.57 16.34 -5.45
CA ALA A 449 -17.41 16.45 -4.28
C ALA A 449 -17.83 17.89 -4.02
N LEU A 450 -19.00 18.06 -3.41
CA LEU A 450 -19.59 19.40 -3.23
C LEU A 450 -19.04 20.19 -2.05
N SER A 451 -18.32 19.50 -1.17
CA SER A 451 -17.80 20.08 0.06
C SER A 451 -16.88 19.05 0.69
N TRP A 452 -16.15 19.45 1.72
CA TRP A 452 -15.32 18.51 2.49
C TRP A 452 -16.15 17.33 3.00
N GLN A 453 -17.30 17.62 3.59
CA GLN A 453 -18.14 16.57 4.22
C GLN A 453 -18.67 15.62 3.17
N HIS A 454 -19.07 16.16 2.01
CA HIS A 454 -19.48 15.30 0.92
C HIS A 454 -18.31 14.46 0.42
N GLY A 455 -17.13 15.09 0.31
CA GLY A 455 -15.90 14.39 -0.06
C GLY A 455 -15.52 13.24 0.87
N VAL A 456 -15.66 13.46 2.17
CA VAL A 456 -15.43 12.39 3.15
C VAL A 456 -16.44 11.28 2.94
N PHE A 457 -17.71 11.65 2.72
CA PHE A 457 -18.74 10.67 2.32
C PHE A 457 -18.38 9.86 1.05
N VAL A 458 -17.87 10.54 0.02
CA VAL A 458 -17.47 9.88 -1.24
C VAL A 458 -16.41 8.80 -0.97
N GLY A 459 -15.41 9.15 -0.15
CA GLY A 459 -14.40 8.18 0.32
C GLY A 459 -15.04 7.01 1.04
N ALA A 460 -15.95 7.31 1.96
CA ALA A 460 -16.65 6.31 2.78
C ALA A 460 -17.47 5.31 1.94
N ALA A 461 -17.97 5.75 0.80
CA ALA A 461 -18.89 4.97 0.00
C ALA A 461 -18.21 4.15 -1.10
N MET A 462 -16.89 4.20 -1.17
CA MET A 462 -16.14 3.54 -2.26
C MET A 462 -16.50 2.08 -2.43
N ARG A 463 -16.75 1.69 -3.69
CA ARG A 463 -16.99 0.30 -4.05
C ARG A 463 -16.25 -0.01 -5.34
N SER A 464 -15.81 -1.25 -5.47
CA SER A 464 -14.99 -1.66 -6.61
C SER A 464 -15.23 -3.13 -6.96
N GLU A 465 -15.22 -3.45 -8.25
CA GLU A 465 -15.29 -4.84 -8.71
C GLU A 465 -14.01 -5.56 -8.29
N ALA A 466 -14.16 -6.68 -7.58
CA ALA A 466 -13.01 -7.47 -7.15
C ALA A 466 -12.57 -8.41 -8.27
N GLY A 474 -19.33 -15.49 -11.48
CA GLY A 474 -19.96 -14.17 -11.43
C GLY A 474 -19.09 -13.16 -10.70
N LYS A 475 -19.12 -11.92 -11.16
CA LYS A 475 -18.34 -10.87 -10.51
C LYS A 475 -19.09 -10.18 -9.38
N VAL A 476 -18.31 -9.69 -8.43
CA VAL A 476 -18.80 -9.18 -7.16
C VAL A 476 -18.25 -7.78 -6.95
N ILE A 477 -19.11 -6.86 -6.52
CA ILE A 477 -18.69 -5.50 -6.17
C ILE A 477 -18.66 -5.37 -4.65
N MET A 478 -17.50 -5.01 -4.12
CA MET A 478 -17.32 -4.91 -2.68
CA MET A 478 -17.25 -4.92 -2.68
C MET A 478 -16.99 -3.48 -2.26
N HIS A 479 -17.26 -3.17 -0.99
CA HIS A 479 -16.90 -1.88 -0.43
C HIS A 479 -15.44 -1.86 -0.04
N ASP A 480 -14.77 -0.75 -0.31
CA ASP A 480 -13.43 -0.53 0.19
C ASP A 480 -13.25 0.95 0.51
N PRO A 481 -13.87 1.41 1.63
CA PRO A 481 -13.83 2.84 2.00
C PRO A 481 -12.41 3.38 2.09
N PHE A 482 -12.18 4.49 1.39
CA PHE A 482 -10.89 5.13 1.34
C PHE A 482 -9.76 4.20 0.82
N ALA A 483 -10.12 3.08 0.18
CA ALA A 483 -9.15 2.00 -0.12
C ALA A 483 -8.42 1.45 1.15
N MET A 484 -9.04 1.63 2.32
CA MET A 484 -8.36 1.33 3.59
C MET A 484 -8.95 0.15 4.34
N ARG A 485 -9.86 -0.59 3.68
CA ARG A 485 -10.60 -1.65 4.34
C ARG A 485 -9.76 -2.73 5.05
N PRO A 486 -8.67 -3.23 4.41
CA PRO A 486 -7.79 -4.16 5.14
C PRO A 486 -6.77 -3.45 6.05
N PHE A 487 -6.84 -2.12 6.12
CA PHE A 487 -5.77 -1.38 6.75
C PHE A 487 -6.15 -0.46 7.91
N PHE A 488 -7.43 -0.34 8.24
CA PHE A 488 -7.78 0.55 9.37
C PHE A 488 -7.10 0.09 10.65
N GLY A 489 -6.36 0.98 11.29
CA GLY A 489 -5.70 0.61 12.52
C GLY A 489 -6.61 0.74 13.73
N TYR A 490 -7.79 1.33 13.51
CA TYR A 490 -8.75 1.62 14.58
C TYR A 490 -10.17 1.70 14.01
N ASN A 491 -11.14 1.96 14.88
CA ASN A 491 -12.57 2.08 14.53
C ASN A 491 -12.79 2.99 13.30
N PHE A 492 -13.39 2.44 12.23
CA PHE A 492 -13.63 3.20 10.99
C PHE A 492 -14.54 4.44 11.17
N GLY A 493 -15.56 4.33 12.01
CA GLY A 493 -16.40 5.48 12.38
C GLY A 493 -15.60 6.63 12.97
N LYS A 494 -14.68 6.29 13.89
CA LYS A 494 -13.76 7.28 14.46
C LYS A 494 -12.80 7.86 13.42
N TYR A 495 -12.44 7.02 12.45
CA TYR A 495 -11.62 7.42 11.31
C TYR A 495 -12.35 8.48 10.47
N LEU A 496 -13.63 8.23 10.19
CA LEU A 496 -14.46 9.23 9.49
C LEU A 496 -14.56 10.55 10.30
N ALA A 497 -14.81 10.42 11.61
CA ALA A 497 -14.84 11.57 12.51
C ALA A 497 -13.54 12.38 12.43
N HIS A 498 -12.41 11.66 12.37
CA HIS A 498 -11.09 12.27 12.30
C HIS A 498 -10.92 13.12 11.02
N TRP A 499 -11.31 12.53 9.89
CA TRP A 499 -11.35 13.21 8.59
C TRP A 499 -12.23 14.46 8.65
N LEU A 500 -13.44 14.31 9.18
CA LEU A 500 -14.41 15.40 9.29
C LEU A 500 -13.90 16.56 10.16
N SER A 501 -13.12 16.25 11.20
CA SER A 501 -12.59 17.26 12.13
C SER A 501 -11.59 18.22 11.49
N MET A 502 -11.01 17.81 10.36
CA MET A 502 -10.04 18.66 9.65
CA MET A 502 -10.05 18.67 9.65
C MET A 502 -10.67 19.98 9.19
N ALA A 503 -11.97 19.96 8.92
CA ALA A 503 -12.73 21.15 8.53
C ALA A 503 -12.79 22.20 9.64
N HIS A 504 -12.51 21.79 10.88
CA HIS A 504 -12.63 22.67 12.04
C HIS A 504 -11.27 23.10 12.58
N ARG A 505 -10.21 22.64 11.92
CA ARG A 505 -8.84 23.06 12.23
C ARG A 505 -8.66 24.47 11.64
N PRO A 506 -8.29 25.45 12.49
CA PRO A 506 -8.07 26.82 12.00
C PRO A 506 -6.99 26.91 10.93
N ALA A 507 -7.24 27.74 9.91
CA ALA A 507 -6.31 27.99 8.78
C ALA A 507 -6.21 26.88 7.72
N ALA A 508 -6.75 25.70 8.01
CA ALA A 508 -6.63 24.53 7.12
C ALA A 508 -7.17 24.81 5.73
N LYS A 509 -6.34 24.53 4.73
CA LYS A 509 -6.75 24.65 3.35
C LYS A 509 -7.13 23.25 2.89
N LEU A 510 -8.44 23.00 2.82
CA LEU A 510 -8.95 21.66 2.53
C LEU A 510 -8.86 21.35 1.05
N PRO A 511 -8.15 20.25 0.70
CA PRO A 511 -8.00 19.90 -0.70
C PRO A 511 -9.35 19.57 -1.32
N LYS A 512 -9.47 19.84 -2.62
CA LYS A 512 -10.62 19.43 -3.39
C LYS A 512 -10.63 17.91 -3.51
N ILE A 513 -11.81 17.32 -3.41
CA ILE A 513 -11.94 15.86 -3.47
C ILE A 513 -12.69 15.46 -4.73
N PHE A 514 -12.09 14.53 -5.48
CA PHE A 514 -12.62 14.01 -6.73
C PHE A 514 -12.87 12.53 -6.60
N HIS A 515 -13.71 11.99 -7.47
CA HIS A 515 -13.87 10.56 -7.62
C HIS A 515 -13.75 10.18 -9.10
N VAL A 516 -12.93 9.17 -9.38
CA VAL A 516 -12.71 8.71 -10.76
C VAL A 516 -13.15 7.27 -11.00
N ASN A 517 -13.48 6.98 -12.26
CA ASN A 517 -13.78 5.64 -12.73
C ASN A 517 -13.20 5.45 -14.14
N TRP A 518 -12.03 4.82 -14.22
CA TRP A 518 -11.35 4.57 -15.49
C TRP A 518 -12.02 3.41 -16.23
N PHE A 519 -12.96 2.75 -15.56
CA PHE A 519 -13.35 1.39 -15.94
C PHE A 519 -14.81 1.15 -16.33
N ARG A 520 -15.56 2.23 -16.60
CA ARG A 520 -16.93 2.11 -17.07
C ARG A 520 -16.99 1.41 -18.45
N LYS A 521 -17.99 0.56 -18.63
CA LYS A 521 -18.16 -0.25 -19.85
C LYS A 521 -19.52 0.00 -20.49
N ASP A 522 -19.61 -0.18 -21.81
CA ASP A 522 -20.91 -0.14 -22.50
C ASP A 522 -21.70 -1.45 -22.36
N LYS A 523 -22.75 -1.59 -23.17
CA LYS A 523 -23.63 -2.76 -23.15
C LYS A 523 -22.96 -4.04 -23.63
N ASN A 524 -21.80 -3.91 -24.27
CA ASN A 524 -21.08 -5.06 -24.83
C ASN A 524 -19.80 -5.43 -24.06
N GLY A 525 -19.54 -4.69 -22.98
CA GLY A 525 -18.41 -4.96 -22.11
C GLY A 525 -17.11 -4.27 -22.50
N LYS A 526 -17.21 -3.27 -23.38
CA LYS A 526 -16.04 -2.55 -23.85
C LYS A 526 -15.80 -1.29 -23.02
N PHE A 527 -14.55 -1.09 -22.59
CA PHE A 527 -14.18 0.11 -21.82
C PHE A 527 -14.48 1.38 -22.62
N LEU A 528 -15.16 2.32 -21.99
CA LEU A 528 -15.61 3.54 -22.65
C LEU A 528 -14.52 4.61 -22.67
N TRP A 529 -13.47 4.37 -21.88
CA TRP A 529 -12.38 5.32 -21.74
C TRP A 529 -11.04 4.61 -22.02
N PRO A 530 -10.19 5.20 -22.89
CA PRO A 530 -8.87 4.64 -23.25
C PRO A 530 -7.90 4.51 -22.06
N GLY A 531 -8.00 5.42 -21.10
CA GLY A 531 -7.19 5.35 -19.88
C GLY A 531 -5.70 5.53 -20.07
N PHE A 532 -4.94 5.00 -19.13
CA PHE A 532 -3.48 5.06 -19.08
C PHE A 532 -2.98 6.50 -19.21
N GLY A 533 -2.13 6.78 -20.20
CA GLY A 533 -1.61 8.14 -20.40
C GLY A 533 -2.70 9.17 -20.65
N GLU A 534 -3.82 8.73 -21.20
CA GLU A 534 -4.96 9.59 -21.50
C GLU A 534 -5.70 10.07 -20.26
N ASN A 535 -5.37 9.49 -19.11
CA ASN A 535 -5.94 9.94 -17.83
C ASN A 535 -5.42 11.33 -17.45
N SER A 536 -4.34 11.76 -18.11
CA SER A 536 -3.81 13.12 -17.97
C SER A 536 -4.84 14.21 -18.30
N ARG A 537 -5.82 13.84 -19.12
CA ARG A 537 -6.92 14.70 -19.52
C ARG A 537 -7.92 14.92 -18.39
N VAL A 538 -8.15 13.86 -17.60
CA VAL A 538 -8.95 13.98 -16.37
C VAL A 538 -8.18 14.83 -15.35
N LEU A 539 -6.88 14.59 -15.23
CA LEU A 539 -6.04 15.37 -14.30
C LEU A 539 -5.99 16.85 -14.68
N GLU A 540 -6.03 17.15 -15.98
CA GLU A 540 -6.05 18.54 -16.46
C GLU A 540 -7.30 19.25 -15.92
N TRP A 541 -8.43 18.57 -15.97
CA TRP A 541 -9.68 19.12 -15.50
C TRP A 541 -9.66 19.40 -14.01
N MET A 542 -9.07 18.48 -13.24
CA MET A 542 -8.96 18.62 -11.79
C MET A 542 -8.06 19.81 -11.47
N PHE A 543 -6.97 19.94 -12.22
CA PHE A 543 -6.02 21.05 -12.07
C PHE A 543 -6.75 22.40 -12.23
N GLY A 544 -7.56 22.52 -13.29
CA GLY A 544 -8.36 23.72 -13.55
C GLY A 544 -9.39 24.00 -12.46
N ARG A 545 -10.09 22.96 -12.02
CA ARG A 545 -11.04 23.09 -10.93
C ARG A 545 -10.40 23.58 -9.62
N ILE A 546 -9.23 23.03 -9.28
CA ILE A 546 -8.47 23.52 -8.13
C ILE A 546 -8.14 25.02 -8.30
N GLU A 547 -7.88 25.42 -9.54
CA GLU A 547 -7.57 26.82 -9.85
CA GLU A 547 -7.57 26.83 -9.88
C GLU A 547 -8.81 27.72 -9.93
N GLY A 548 -9.99 27.15 -9.69
CA GLY A 548 -11.22 27.96 -9.66
C GLY A 548 -11.94 28.15 -10.98
N GLU A 549 -11.45 27.48 -12.02
CA GLU A 549 -12.01 27.60 -13.36
CA GLU A 549 -12.00 27.56 -13.37
C GLU A 549 -13.49 27.17 -13.43
N ASP A 550 -14.25 27.87 -14.27
CA ASP A 550 -15.68 27.68 -14.42
C ASP A 550 -15.96 26.55 -15.42
N SER A 551 -15.51 25.35 -15.06
CA SER A 551 -15.51 24.22 -15.99
C SER A 551 -16.41 23.06 -15.55
N ALA A 552 -17.26 23.31 -14.56
CA ALA A 552 -18.11 22.26 -14.00
C ALA A 552 -19.59 22.52 -14.15
N LYS A 553 -20.34 21.42 -14.12
CA LYS A 553 -21.79 21.39 -14.13
C LYS A 553 -22.25 20.62 -12.89
N LEU A 554 -23.25 21.16 -12.18
CA LEU A 554 -23.79 20.52 -11.00
C LEU A 554 -24.67 19.33 -11.37
N THR A 555 -24.45 18.21 -10.69
CA THR A 555 -25.31 17.02 -10.80
C THR A 555 -25.65 16.53 -9.39
N PRO A 556 -26.64 15.60 -9.28
CA PRO A 556 -26.97 15.02 -7.96
C PRO A 556 -25.83 14.34 -7.21
N ILE A 557 -24.74 13.96 -7.90
CA ILE A 557 -23.61 13.26 -7.26
C ILE A 557 -22.38 14.13 -7.02
N GLY A 558 -22.44 15.37 -7.50
CA GLY A 558 -21.28 16.27 -7.49
C GLY A 558 -21.11 17.01 -8.82
N TYR A 559 -20.03 17.77 -8.95
CA TYR A 559 -19.74 18.47 -10.20
C TYR A 559 -19.05 17.56 -11.20
N VAL A 560 -19.54 17.57 -12.44
CA VAL A 560 -18.91 16.88 -13.56
C VAL A 560 -18.38 17.94 -14.54
N PRO A 561 -17.48 17.56 -15.47
CA PRO A 561 -17.08 18.56 -16.47
C PRO A 561 -18.25 19.04 -17.33
N LYS A 562 -18.26 20.34 -17.63
CA LYS A 562 -19.15 20.91 -18.63
C LYS A 562 -18.93 20.25 -19.98
N GLU A 563 -19.91 20.41 -20.86
CA GLU A 563 -19.78 20.04 -22.26
C GLU A 563 -18.55 20.74 -22.84
N ASP A 564 -17.67 19.97 -23.48
CA ASP A 564 -16.46 20.50 -24.13
C ASP A 564 -15.34 20.92 -23.15
N ALA A 565 -15.57 20.76 -21.84
CA ALA A 565 -14.56 21.15 -20.84
C ALA A 565 -13.34 20.22 -20.84
N LEU A 566 -13.58 18.94 -21.14
CA LEU A 566 -12.53 17.93 -21.18
C LEU A 566 -11.82 17.93 -22.54
N ASN A 567 -10.49 18.01 -22.52
CA ASN A 567 -9.69 17.98 -23.76
C ASN A 567 -9.66 16.57 -24.35
N LEU A 568 -10.47 16.36 -25.39
CA LEU A 568 -10.60 15.05 -26.03
C LEU A 568 -9.91 15.00 -27.41
N LYS A 569 -9.18 16.06 -27.74
CA LYS A 569 -8.46 16.16 -29.03
C LYS A 569 -7.38 15.09 -29.14
N GLY A 570 -7.29 14.44 -30.30
CA GLY A 570 -6.34 13.35 -30.50
C GLY A 570 -6.87 12.00 -30.06
N LEU A 571 -7.98 12.00 -29.32
CA LEU A 571 -8.75 10.78 -29.11
C LEU A 571 -9.73 10.73 -30.27
N GLY A 572 -10.33 9.56 -30.50
CA GLY A 572 -11.33 9.41 -31.54
C GLY A 572 -12.66 9.97 -31.09
N ASP A 573 -13.74 9.28 -31.43
CA ASP A 573 -15.06 9.65 -30.95
C ASP A 573 -15.36 8.89 -29.66
N VAL A 574 -15.05 9.55 -28.55
CA VAL A 574 -15.31 9.01 -27.22
C VAL A 574 -16.79 9.21 -26.90
N ASN A 575 -17.46 8.12 -26.51
CA ASN A 575 -18.89 8.17 -26.19
C ASN A 575 -19.13 8.91 -24.87
N VAL A 576 -19.13 10.23 -24.94
CA VAL A 576 -19.16 11.10 -23.75
C VAL A 576 -20.46 11.01 -22.96
N GLU A 577 -21.57 10.73 -23.64
CA GLU A 577 -22.88 10.70 -22.98
C GLU A 577 -23.08 9.44 -22.13
N GLU A 578 -22.54 8.31 -22.60
CA GLU A 578 -22.53 7.10 -21.80
C GLU A 578 -21.49 7.15 -20.68
N LEU A 579 -20.31 7.73 -20.96
CA LEU A 579 -19.26 7.91 -19.95
C LEU A 579 -19.72 8.75 -18.77
N PHE A 580 -20.49 9.80 -19.06
CA PHE A 580 -20.95 10.73 -18.04
C PHE A 580 -22.43 10.59 -17.71
N GLY A 581 -23.06 9.54 -18.21
CA GLY A 581 -24.46 9.25 -17.90
C GLY A 581 -24.70 9.00 -16.42
N ILE A 582 -25.72 9.67 -15.90
CA ILE A 582 -26.18 9.46 -14.53
C ILE A 582 -27.64 9.06 -14.60
N SER A 583 -27.91 7.82 -14.20
CA SER A 583 -29.24 7.26 -14.20
C SER A 583 -29.83 7.31 -12.80
N LYS A 584 -31.09 7.74 -12.71
CA LYS A 584 -31.82 7.79 -11.44
C LYS A 584 -31.96 6.39 -10.84
N GLU A 585 -32.38 5.42 -11.65
CA GLU A 585 -32.56 4.05 -11.18
C GLU A 585 -31.27 3.41 -10.67
N PHE A 586 -30.14 3.69 -11.32
CA PHE A 586 -28.85 3.18 -10.84
C PHE A 586 -28.49 3.82 -9.50
N TRP A 587 -28.68 5.13 -9.41
CA TRP A 587 -28.28 5.88 -8.22
C TRP A 587 -29.21 5.70 -7.03
N GLU A 588 -30.49 5.46 -7.30
CA GLU A 588 -31.41 5.02 -6.25
C GLU A 588 -30.87 3.75 -5.59
N LYS A 589 -30.48 2.78 -6.41
CA LYS A 589 -29.97 1.51 -5.92
C LYS A 589 -28.64 1.69 -5.19
N GLU A 590 -27.79 2.57 -5.73
CA GLU A 590 -26.48 2.84 -5.17
C GLU A 590 -26.60 3.40 -3.76
N VAL A 591 -27.43 4.43 -3.61
CA VAL A 591 -27.61 5.05 -2.31
C VAL A 591 -28.24 4.09 -1.28
N GLU A 592 -29.20 3.27 -1.71
CA GLU A 592 -29.81 2.29 -0.82
CA GLU A 592 -29.82 2.26 -0.84
C GLU A 592 -28.76 1.32 -0.26
N GLU A 593 -27.88 0.82 -1.12
CA GLU A 593 -26.92 -0.17 -0.62
C GLU A 593 -25.79 0.45 0.20
N ILE A 594 -25.41 1.70 -0.10
CA ILE A 594 -24.47 2.46 0.73
C ILE A 594 -25.07 2.68 2.13
N ASP A 595 -26.31 3.12 2.18
CA ASP A 595 -27.07 3.28 3.42
C ASP A 595 -27.08 1.99 4.27
N LYS A 596 -27.48 0.88 3.66
CA LYS A 596 -27.53 -0.41 4.36
C LYS A 596 -26.13 -0.84 4.86
N TYR A 597 -25.11 -0.66 4.02
CA TYR A 597 -23.73 -0.99 4.37
C TYR A 597 -23.21 -0.18 5.56
N LEU A 598 -23.34 1.14 5.50
CA LEU A 598 -22.89 2.05 6.56
C LEU A 598 -23.64 1.82 7.87
N GLU A 599 -24.96 1.60 7.78
CA GLU A 599 -25.78 1.29 8.95
C GLU A 599 -25.26 0.05 9.65
N ASP A 600 -25.15 -1.05 8.88
CA ASP A 600 -24.68 -2.32 9.40
C ASP A 600 -23.25 -2.25 9.92
N GLN A 601 -22.33 -1.78 9.08
CA GLN A 601 -20.91 -1.94 9.34
C GLN A 601 -20.38 -0.85 10.28
N VAL A 602 -20.97 0.33 10.24
CA VAL A 602 -20.48 1.44 11.06
C VAL A 602 -21.40 1.66 12.27
N ASN A 603 -22.70 1.49 12.05
CA ASN A 603 -23.66 1.44 13.17
C ASN A 603 -23.58 2.65 14.10
N ALA A 604 -23.32 2.41 15.39
CA ALA A 604 -23.35 3.48 16.39
C ALA A 604 -22.26 4.53 16.23
N ASP A 605 -21.21 4.19 15.48
CA ASP A 605 -20.07 5.10 15.31
C ASP A 605 -20.09 5.88 13.99
N LEU A 606 -21.18 5.78 13.23
CA LEU A 606 -21.32 6.60 12.01
C LEU A 606 -21.50 8.08 12.38
N PRO A 607 -20.52 8.95 12.01
CA PRO A 607 -20.74 10.36 12.36
C PRO A 607 -21.98 10.97 11.72
N TYR A 608 -22.61 11.87 12.47
CA TYR A 608 -23.80 12.62 12.07
C TYR A 608 -23.67 13.18 10.64
N GLU A 609 -22.54 13.82 10.35
CA GLU A 609 -22.31 14.42 9.05
C GLU A 609 -22.28 13.45 7.88
N ILE A 610 -21.97 12.17 8.13
CA ILE A 610 -22.01 11.15 7.06
C ILE A 610 -23.44 10.69 6.79
N GLU A 611 -24.19 10.46 7.87
CA GLU A 611 -25.64 10.25 7.79
CA GLU A 611 -25.62 10.23 7.78
C GLU A 611 -26.29 11.40 7.02
N ARG A 612 -25.91 12.63 7.35
CA ARG A 612 -26.45 13.80 6.66
C ARG A 612 -26.16 13.80 5.16
N GLU A 613 -24.93 13.42 4.80
CA GLU A 613 -24.50 13.44 3.40
C GLU A 613 -25.25 12.39 2.62
N LEU A 614 -25.50 11.27 3.27
CA LEU A 614 -26.27 10.17 2.73
C LEU A 614 -27.74 10.54 2.50
N ARG A 615 -28.34 11.17 3.50
CA ARG A 615 -29.68 11.75 3.35
C ARG A 615 -29.69 12.75 2.19
N ALA A 616 -28.70 13.64 2.14
CA ALA A 616 -28.66 14.67 1.09
C ALA A 616 -28.60 14.08 -0.32
N LEU A 617 -27.83 13.01 -0.49
CA LEU A 617 -27.66 12.37 -1.78
C LEU A 617 -28.96 11.68 -2.19
N LYS A 618 -29.58 10.98 -1.24
CA LYS A 618 -30.89 10.38 -1.44
CA LYS A 618 -30.88 10.36 -1.46
C LYS A 618 -31.89 11.40 -1.96
N GLN A 619 -31.92 12.56 -1.30
CA GLN A 619 -32.84 13.64 -1.65
C GLN A 619 -32.60 14.21 -3.05
N ARG A 620 -31.33 14.40 -3.40
CA ARG A 620 -30.97 14.93 -4.72
C ARG A 620 -31.38 13.98 -5.82
N ILE A 621 -31.12 12.69 -5.62
CA ILE A 621 -31.55 11.63 -6.54
C ILE A 621 -33.07 11.57 -6.67
N SER A 622 -33.79 11.69 -5.54
CA SER A 622 -35.27 11.61 -5.58
C SER A 622 -35.91 12.73 -6.40
N GLN A 623 -35.17 13.80 -6.64
CA GLN A 623 -35.69 14.95 -7.40
C GLN A 623 -35.43 14.92 -8.91
N MET A 624 -34.58 14.00 -9.37
CA MET A 624 -34.29 13.92 -10.81
C MET A 624 -35.41 13.23 -11.60
MN MN B . -1.23 -0.94 -1.38
MN MN C . -18.40 19.69 11.18
NA NA D . 12.18 -20.41 -3.81
S SO4 E . -1.88 -0.86 -8.12
O1 SO4 E . -1.74 -2.16 -7.48
O2 SO4 E . -0.74 -0.03 -7.72
O3 SO4 E . -1.89 -1.00 -9.58
O4 SO4 E . -3.14 -0.24 -7.71
O5 SAT F . -0.64 -5.72 -0.36
S1 SAT F . 0.80 -5.88 -0.07
O3 SAT F . 1.52 -4.66 -0.48
O4 SAT F . 0.97 -6.10 1.37
C2 SAT F . 1.41 -7.20 -0.91
C1 SAT F . 0.94 -8.54 -0.36
O1 SAT F . 1.57 -9.06 0.58
O2 SAT F . -0.02 -9.10 -0.91
#